data_3SGX
#
_entry.id   3SGX
#
_cell.length_a   60.950
_cell.length_b   68.135
_cell.length_c   111.608
_cell.angle_alpha   90.000
_cell.angle_beta   90.000
_cell.angle_gamma   90.000
#
_symmetry.space_group_name_H-M   'P 21 21 21'
#
loop_
_entity.id
_entity.type
_entity.pdbx_description
1 polymer 'Undecaprenyl pyrophosphate synthase'
2 non-polymer '4-{3-[(biphenyl-4-ylcarbonyl)amino]phenoxy}benzene-1,2-dicarboxylic acid'
3 water water
#
_entity_poly.entity_id   1
_entity_poly.type   'polypeptide(L)'
_entity_poly.pdbx_seq_one_letter_code
;MMLSATQPLSEKLPAHGCRHVAIIMDGNGRWAKKQGKIRAFGHKAGAKSVRRAVSFAANNGIEALTLYAFSSENWNRPAQ
EVSALMELFVWALDSEVKSLHRHNVRLRIIGDTSRFNSRLQERIRKSEALTAGNTGLTLNIAANYGGRWDIVQGVRQLAE
KVQQGNLQPDQIDEEMLNQHVCMHELAPVDLVIRTGGEHRISNFLLWQIAYAELYFTDVLWPDFDEQDFEGALNAFANRE
RRFGGTEPGDETA
;
_entity_poly.pdbx_strand_id   A,B
#
# COMPACT_ATOMS: atom_id res chain seq x y z
N GLY A 17 17.76 3.99 12.61
CA GLY A 17 18.42 2.88 11.91
C GLY A 17 17.57 2.46 10.71
N CYS A 18 17.52 3.34 9.71
CA CYS A 18 16.57 3.24 8.65
C CYS A 18 17.32 3.32 7.36
N ARG A 19 17.14 2.31 6.51
CA ARG A 19 18.04 2.15 5.35
C ARG A 19 17.48 2.69 4.01
N HIS A 20 16.16 2.65 3.83
CA HIS A 20 15.54 3.03 2.57
C HIS A 20 14.29 3.91 2.85
N VAL A 21 14.29 5.12 2.34
CA VAL A 21 13.14 6.03 2.55
C VAL A 21 12.48 6.32 1.19
N ALA A 22 11.14 6.20 1.11
CA ALA A 22 10.42 6.64 -0.08
C ALA A 22 9.55 7.84 0.24
N ILE A 23 9.49 8.79 -0.67
CA ILE A 23 8.81 10.03 -0.38
C ILE A 23 7.81 10.38 -1.48
N ILE A 24 6.54 10.51 -1.12
CA ILE A 24 5.57 11.15 -2.03
C ILE A 24 5.63 12.65 -1.85
N MET A 25 6.19 13.33 -2.84
CA MET A 25 6.38 14.77 -2.75
C MET A 25 5.11 15.49 -3.26
N ASP A 26 4.31 16.03 -2.36
CA ASP A 26 3.10 16.77 -2.75
C ASP A 26 3.06 18.14 -2.06
N GLY A 27 2.23 19.04 -2.61
CA GLY A 27 2.09 20.41 -2.11
C GLY A 27 2.87 21.49 -2.85
N ASN A 28 3.54 21.14 -3.94
CA ASN A 28 4.24 22.15 -4.74
C ASN A 28 3.30 23.24 -5.19
N GLY A 29 2.15 22.86 -5.75
CA GLY A 29 1.20 23.85 -6.28
C GLY A 29 0.49 24.67 -5.22
N ARG A 30 -0.02 24.00 -4.17
CA ARG A 30 -0.60 24.71 -3.00
C ARG A 30 0.39 25.69 -2.37
N TRP A 31 1.64 25.28 -2.26
CA TRP A 31 2.71 26.15 -1.76
C TRP A 31 2.75 27.52 -2.47
N ALA A 32 2.43 27.54 -3.77
CA ALA A 32 2.58 28.78 -4.55
C ALA A 32 1.28 29.55 -4.48
N LYS A 33 0.18 28.82 -4.59
CA LYS A 33 -1.18 29.33 -4.40
C LYS A 33 -1.28 30.16 -3.13
N LYS A 34 -0.84 29.57 -2.01
CA LYS A 34 -0.68 30.27 -0.72
C LYS A 34 -0.12 31.71 -0.82
N GLN A 35 0.85 31.93 -1.70
CA GLN A 35 1.47 33.25 -1.83
C GLN A 35 0.90 34.05 -3.01
N GLY A 36 -0.12 33.51 -3.68
CA GLY A 36 -0.67 34.16 -4.87
C GLY A 36 0.26 34.07 -6.06
N LYS A 37 0.92 32.92 -6.21
CA LYS A 37 1.85 32.69 -7.29
C LYS A 37 1.35 31.51 -8.09
N ILE A 38 1.61 31.50 -9.41
CA ILE A 38 1.24 30.36 -10.25
C ILE A 38 2.04 29.09 -9.86
N ARG A 39 1.46 27.91 -10.15
CA ARG A 39 2.02 26.55 -9.91
C ARG A 39 3.53 26.48 -10.14
N ALA A 40 4.02 27.18 -11.16
CA ALA A 40 5.37 27.01 -11.69
C ALA A 40 6.39 27.44 -10.68
N PHE A 41 5.98 28.33 -9.80
CA PHE A 41 6.86 28.86 -8.80
C PHE A 41 7.10 27.75 -7.78
N GLY A 42 6.00 27.08 -7.40
CA GLY A 42 6.07 25.93 -6.49
C GLY A 42 6.93 24.78 -7.00
N HIS A 43 6.91 24.58 -8.31
CA HIS A 43 7.67 23.53 -8.93
C HIS A 43 9.17 23.84 -8.84
N LYS A 44 9.54 25.07 -9.18
CA LYS A 44 10.91 25.51 -8.98
C LYS A 44 11.33 25.36 -7.48
N ALA A 45 10.43 25.70 -6.55
CA ALA A 45 10.73 25.57 -5.14
C ALA A 45 10.87 24.11 -4.70
N GLY A 46 10.15 23.22 -5.36
CA GLY A 46 10.13 21.79 -5.05
C GLY A 46 11.38 21.10 -5.54
N ALA A 47 11.84 21.53 -6.70
CA ALA A 47 13.14 21.17 -7.26
C ALA A 47 14.31 21.44 -6.29
N LYS A 48 14.22 22.55 -5.56
CA LYS A 48 15.23 22.92 -4.60
C LYS A 48 15.16 21.99 -3.37
N SER A 49 13.94 21.71 -2.94
CA SER A 49 13.70 20.87 -1.78
C SER A 49 14.16 19.41 -2.03
N VAL A 50 14.18 19.01 -3.30
CA VAL A 50 14.57 17.67 -3.71
C VAL A 50 16.09 17.54 -3.57
N ARG A 51 16.80 18.59 -4.02
CA ARG A 51 18.24 18.69 -3.89
C ARG A 51 18.56 18.56 -2.40
N ARG A 52 17.85 19.37 -1.60
CA ARG A 52 18.04 19.34 -0.17
C ARG A 52 17.72 17.99 0.47
N ALA A 53 16.78 17.23 -0.07
CA ALA A 53 16.45 15.98 0.55
C ALA A 53 17.47 14.93 0.14
N VAL A 54 17.95 15.04 -1.09
CA VAL A 54 19.03 14.18 -1.63
C VAL A 54 20.36 14.35 -0.84
N SER A 55 20.82 15.60 -0.58
CA SER A 55 22.02 15.80 0.32
C SER A 55 21.84 15.19 1.69
N PHE A 56 20.75 15.59 2.35
CA PHE A 56 20.44 15.08 3.68
C PHE A 56 20.60 13.57 3.75
N ALA A 57 19.94 12.89 2.81
CA ALA A 57 19.94 11.46 2.81
C ALA A 57 21.36 10.87 2.59
N ALA A 58 22.16 11.52 1.74
CA ALA A 58 23.54 11.06 1.47
C ALA A 58 24.48 11.23 2.66
N ASN A 59 24.16 12.19 3.52
CA ASN A 59 25.02 12.60 4.59
C ASN A 59 24.52 12.10 5.95
N ASN A 60 23.39 11.38 5.92
CA ASN A 60 22.79 10.82 7.13
C ASN A 60 22.65 9.31 7.10
N GLY A 61 23.56 8.67 6.38
CA GLY A 61 23.62 7.21 6.23
C GLY A 61 22.39 6.47 5.67
N ILE A 62 21.62 7.13 4.80
CA ILE A 62 20.53 6.42 4.11
C ILE A 62 21.15 5.77 2.88
N GLU A 63 20.87 4.48 2.66
CA GLU A 63 21.35 3.69 1.48
C GLU A 63 20.55 3.93 0.18
N ALA A 64 19.23 4.14 0.31
CA ALA A 64 18.40 4.29 -0.88
C ALA A 64 17.27 5.30 -0.67
N LEU A 65 17.16 6.23 -1.61
CA LEU A 65 16.06 7.19 -1.57
C LEU A 65 15.20 7.08 -2.84
N THR A 66 13.88 7.00 -2.64
CA THR A 66 12.94 6.73 -3.70
C THR A 66 11.90 7.84 -3.72
N LEU A 67 11.82 8.55 -4.85
CA LEU A 67 11.09 9.82 -4.96
C LEU A 67 9.98 9.74 -5.99
N TYR A 68 8.78 10.11 -5.56
CA TYR A 68 7.62 10.09 -6.40
C TYR A 68 6.91 11.45 -6.35
N ALA A 69 6.89 12.15 -7.48
CA ALA A 69 6.41 13.52 -7.49
C ALA A 69 4.93 13.71 -7.11
N PHE A 70 3.97 13.18 -7.87
CA PHE A 70 2.51 13.43 -7.61
C PHE A 70 1.96 14.72 -8.17
N SER A 71 1.03 14.57 -9.10
CA SER A 71 0.47 15.71 -9.80
C SER A 71 -0.67 16.38 -8.98
N SER A 72 -1.95 16.20 -9.28
CA SER A 72 -2.54 15.15 -10.14
C SER A 72 -3.05 15.70 -11.48
N GLU A 73 -3.59 16.92 -11.41
CA GLU A 73 -4.38 17.52 -12.48
C GLU A 73 -3.58 17.71 -13.79
N LEU A 85 4.14 18.85 -18.11
CA LEU A 85 4.79 19.73 -17.14
C LEU A 85 5.50 18.89 -16.07
N MET A 86 4.84 17.82 -15.68
CA MET A 86 5.46 16.75 -14.96
C MET A 86 6.63 16.23 -15.83
N GLU A 87 6.30 15.79 -17.05
CA GLU A 87 7.28 15.53 -18.11
C GLU A 87 7.97 16.89 -18.33
N LEU A 88 9.30 16.92 -18.19
CA LEU A 88 10.02 18.14 -17.73
C LEU A 88 10.48 17.81 -16.28
N PHE A 89 10.61 16.49 -16.10
CA PHE A 89 11.58 15.81 -15.32
C PHE A 89 12.76 15.49 -16.30
N VAL A 90 12.57 15.83 -17.58
CA VAL A 90 13.64 15.82 -18.57
C VAL A 90 14.65 16.90 -18.20
N TRP A 91 14.14 17.99 -17.65
CA TRP A 91 14.98 19.10 -17.23
C TRP A 91 15.98 18.61 -16.17
N ALA A 92 15.47 17.95 -15.14
CA ALA A 92 16.35 17.35 -14.12
C ALA A 92 17.37 16.37 -14.70
N LEU A 93 16.89 15.46 -15.54
CA LEU A 93 17.77 14.46 -16.15
C LEU A 93 18.97 15.16 -16.80
N ASP A 94 18.70 16.19 -17.62
CA ASP A 94 19.75 16.87 -18.38
C ASP A 94 20.63 17.79 -17.54
N SER A 95 20.08 18.28 -16.43
CA SER A 95 20.82 19.28 -15.64
C SER A 95 21.47 18.76 -14.37
N GLU A 96 21.14 17.57 -13.91
CA GLU A 96 21.56 17.17 -12.56
C GLU A 96 22.43 15.94 -12.52
N VAL A 97 22.40 15.18 -13.61
CA VAL A 97 23.06 13.89 -13.69
C VAL A 97 24.59 13.95 -13.42
N LYS A 98 25.31 14.92 -13.97
CA LYS A 98 26.77 14.89 -13.88
C LYS A 98 27.22 15.30 -12.49
N SER A 99 26.41 16.13 -11.87
CA SER A 99 26.63 16.57 -10.54
C SER A 99 26.43 15.38 -9.58
N LEU A 100 25.36 14.61 -9.81
CA LEU A 100 25.05 13.46 -8.95
C LEU A 100 26.12 12.41 -9.05
N HIS A 101 26.55 12.12 -10.27
CA HIS A 101 27.73 11.29 -10.51
C HIS A 101 28.97 11.72 -9.71
N ARG A 102 29.28 13.01 -9.69
CA ARG A 102 30.44 13.52 -8.95
C ARG A 102 30.35 13.30 -7.45
N HIS A 103 29.12 13.20 -7.00
CA HIS A 103 28.81 13.08 -5.59
C HIS A 103 28.58 11.63 -5.20
N ASN A 104 28.84 10.75 -6.16
CA ASN A 104 28.87 9.31 -5.92
C ASN A 104 27.46 8.73 -5.70
N VAL A 105 26.48 9.36 -6.35
CA VAL A 105 25.07 8.90 -6.23
C VAL A 105 24.71 7.96 -7.36
N ARG A 106 24.14 6.80 -7.01
CA ARG A 106 23.76 5.79 -8.00
CA ARG A 106 23.77 5.80 -8.00
C ARG A 106 22.32 6.06 -8.43
N LEU A 107 22.13 6.42 -9.70
CA LEU A 107 20.82 6.87 -10.21
C LEU A 107 20.04 5.79 -10.92
N ARG A 108 18.80 5.63 -10.49
CA ARG A 108 17.89 4.68 -11.07
C ARG A 108 16.54 5.32 -11.41
N ILE A 109 16.01 4.91 -12.53
CA ILE A 109 14.68 5.32 -12.89
C ILE A 109 13.77 4.11 -12.83
N ILE A 110 12.74 4.22 -12.01
CA ILE A 110 11.78 3.12 -11.97
C ILE A 110 10.46 3.58 -12.58
N GLY A 111 9.74 2.67 -13.18
CA GLY A 111 8.49 3.03 -13.85
C GLY A 111 8.40 2.54 -15.29
N ASP A 112 7.21 2.73 -15.88
CA ASP A 112 7.00 2.34 -17.26
C ASP A 112 7.61 3.36 -18.20
N THR A 113 8.83 3.11 -18.65
CA THR A 113 9.53 4.03 -19.55
C THR A 113 9.48 3.57 -21.01
N SER A 114 9.21 2.28 -21.22
CA SER A 114 8.90 1.76 -22.53
C SER A 114 7.96 2.71 -23.31
N ARG A 115 7.09 3.39 -22.56
CA ARG A 115 6.15 4.41 -23.05
C ARG A 115 6.81 5.58 -23.86
N PHE A 116 8.07 5.86 -23.55
CA PHE A 116 8.66 7.15 -23.87
C PHE A 116 9.26 7.20 -25.26
N ASN A 117 9.70 8.37 -25.65
CA ASN A 117 10.38 8.51 -26.91
C ASN A 117 11.81 7.90 -26.84
N SER A 118 12.25 7.33 -27.96
CA SER A 118 13.49 6.52 -28.07
C SER A 118 14.72 7.22 -27.51
N ARG A 119 14.76 8.52 -27.77
CA ARG A 119 15.93 9.34 -27.59
C ARG A 119 16.14 9.70 -26.11
N LEU A 120 15.04 9.79 -25.39
CA LEU A 120 15.11 10.13 -24.00
C LEU A 120 15.01 8.87 -23.18
N GLN A 121 14.52 7.78 -23.77
CA GLN A 121 14.84 6.44 -23.25
C GLN A 121 16.35 6.16 -23.24
N GLU A 122 17.07 6.61 -24.26
CA GLU A 122 18.52 6.46 -24.29
C GLU A 122 19.18 7.34 -23.20
N ARG A 123 18.76 8.61 -23.09
CA ARG A 123 19.27 9.47 -22.02
C ARG A 123 19.13 8.83 -20.62
N ILE A 124 17.98 8.24 -20.36
CA ILE A 124 17.76 7.53 -19.12
C ILE A 124 18.79 6.39 -18.94
N ARG A 125 18.95 5.59 -19.99
CA ARG A 125 19.83 4.42 -19.99
C ARG A 125 21.30 4.80 -19.82
N LYS A 126 21.67 5.94 -20.38
CA LYS A 126 23.03 6.47 -20.31
C LYS A 126 23.34 7.12 -18.94
N SER A 127 22.31 7.68 -18.30
CA SER A 127 22.46 8.23 -16.97
C SER A 127 22.61 7.13 -15.92
N GLU A 128 21.95 6.03 -16.14
CA GLU A 128 22.03 4.91 -15.27
C GLU A 128 23.41 4.29 -15.47
N ALA A 129 23.78 4.02 -16.74
CA ALA A 129 25.09 3.44 -17.06
C ALA A 129 26.22 4.30 -16.48
N LEU A 130 26.14 5.61 -16.59
CA LEU A 130 27.16 6.47 -16.03
C LEU A 130 27.39 6.18 -14.54
N THR A 131 26.30 5.96 -13.78
CA THR A 131 26.34 6.07 -12.32
C THR A 131 26.23 4.73 -11.58
N ALA A 132 26.12 3.63 -12.32
CA ALA A 132 25.75 2.34 -11.78
C ALA A 132 26.78 1.77 -10.82
N GLY A 133 28.06 2.14 -11.02
CA GLY A 133 29.20 1.79 -10.16
C GLY A 133 29.43 2.70 -8.96
N ASN A 134 28.67 3.80 -8.85
CA ASN A 134 28.68 4.64 -7.63
C ASN A 134 28.17 3.87 -6.40
N THR A 135 28.74 4.18 -5.24
CA THR A 135 28.65 3.32 -4.06
C THR A 135 28.16 4.14 -2.92
N GLY A 136 27.80 5.40 -3.18
CA GLY A 136 27.08 6.20 -2.19
C GLY A 136 25.56 5.94 -2.24
N LEU A 137 24.78 6.96 -1.92
CA LEU A 137 23.32 6.89 -2.00
C LEU A 137 22.86 6.36 -3.35
N THR A 138 21.92 5.42 -3.30
CA THR A 138 21.16 4.96 -4.45
C THR A 138 19.91 5.87 -4.51
N LEU A 139 19.73 6.58 -5.62
CA LEU A 139 18.59 7.48 -5.76
C LEU A 139 17.64 6.94 -6.80
N ASN A 140 16.43 6.61 -6.38
CA ASN A 140 15.40 6.05 -7.27
C ASN A 140 14.35 7.10 -7.57
N ILE A 141 14.13 7.35 -8.87
CA ILE A 141 13.22 8.41 -9.32
C ILE A 141 12.12 7.72 -10.01
N ALA A 142 10.89 7.85 -9.47
CA ALA A 142 9.68 7.23 -10.08
C ALA A 142 9.21 8.03 -11.30
N ALA A 143 9.28 7.42 -12.49
CA ALA A 143 8.76 8.04 -13.75
C ALA A 143 7.76 7.13 -14.45
N ASN A 144 6.58 7.70 -14.71
CA ASN A 144 5.28 6.98 -14.68
C ASN A 144 5.34 5.60 -14.09
N TYR A 145 5.46 5.64 -12.77
CA TYR A 145 5.43 4.49 -11.91
C TYR A 145 3.99 4.32 -11.40
N GLY A 146 3.57 3.09 -11.21
CA GLY A 146 2.35 2.81 -10.50
C GLY A 146 2.64 1.54 -9.74
N GLY A 147 2.23 1.45 -8.49
CA GLY A 147 2.43 0.20 -7.74
C GLY A 147 1.73 -1.00 -8.34
N ARG A 148 0.60 -0.75 -9.01
CA ARG A 148 -0.12 -1.85 -9.63
C ARG A 148 0.63 -2.27 -10.89
N TRP A 149 1.16 -1.31 -11.62
CA TRP A 149 1.92 -1.60 -12.82
C TRP A 149 3.16 -2.46 -12.48
N ASP A 150 3.84 -2.08 -11.40
CA ASP A 150 5.00 -2.79 -10.89
C ASP A 150 4.69 -4.27 -10.73
N ILE A 151 3.55 -4.56 -10.09
CA ILE A 151 3.14 -5.93 -9.82
C ILE A 151 2.80 -6.65 -11.14
N VAL A 152 2.01 -6.00 -12.00
CA VAL A 152 1.64 -6.58 -13.30
C VAL A 152 2.89 -6.96 -14.12
N GLN A 153 3.88 -6.05 -14.15
CA GLN A 153 5.20 -6.25 -14.77
CA GLN A 153 5.13 -6.32 -14.85
C GLN A 153 5.95 -7.46 -14.22
N GLY A 154 5.94 -7.59 -12.90
CA GLY A 154 6.65 -8.68 -12.25
C GLY A 154 6.00 -9.96 -12.71
N VAL A 155 4.67 -9.96 -12.70
CA VAL A 155 3.87 -11.12 -13.08
C VAL A 155 4.15 -11.53 -14.51
N ARG A 156 3.95 -10.61 -15.45
CA ARG A 156 4.19 -10.90 -16.86
C ARG A 156 5.51 -11.58 -17.13
N GLN A 157 6.58 -11.15 -16.45
CA GLN A 157 7.88 -11.83 -16.53
C GLN A 157 7.70 -13.29 -16.17
N LEU A 158 7.01 -13.54 -15.06
CA LEU A 158 6.77 -14.93 -14.60
C LEU A 158 5.89 -15.70 -15.60
N ALA A 159 4.84 -15.05 -16.08
CA ALA A 159 3.92 -15.68 -17.03
C ALA A 159 4.60 -16.11 -18.34
N GLU A 160 5.70 -15.45 -18.70
CA GLU A 160 6.53 -15.94 -19.79
C GLU A 160 7.32 -17.17 -19.33
N LYS A 161 8.01 -17.06 -18.19
CA LYS A 161 8.79 -18.18 -17.61
C LYS A 161 7.97 -19.45 -17.45
N VAL A 162 6.65 -19.33 -17.55
CA VAL A 162 5.75 -20.48 -17.51
C VAL A 162 5.51 -21.02 -18.93
N GLN A 163 5.17 -20.14 -19.87
CA GLN A 163 4.96 -20.51 -21.27
C GLN A 163 6.30 -20.82 -21.97
N GLN A 164 7.39 -20.92 -21.20
CA GLN A 164 8.73 -21.22 -21.71
C GLN A 164 9.33 -22.46 -21.04
N GLY A 165 8.46 -23.29 -20.46
CA GLY A 165 8.90 -24.43 -19.66
C GLY A 165 9.36 -23.95 -18.29
N ASN A 166 10.68 -24.02 -18.05
CA ASN A 166 11.35 -23.37 -16.90
C ASN A 166 10.71 -23.48 -15.50
N LEU A 167 9.43 -23.10 -15.40
CA LEU A 167 8.77 -22.75 -14.13
C LEU A 167 7.42 -23.43 -13.86
N GLN A 168 7.35 -24.20 -12.78
CA GLN A 168 6.07 -24.77 -12.35
C GLN A 168 5.25 -23.73 -11.57
N PRO A 169 4.00 -23.47 -12.00
CA PRO A 169 3.12 -22.55 -11.27
C PRO A 169 2.87 -23.00 -9.84
N ASP A 170 3.07 -24.30 -9.59
CA ASP A 170 3.19 -24.81 -8.23
C ASP A 170 4.21 -23.96 -7.47
N GLN A 171 5.25 -23.53 -8.17
CA GLN A 171 6.42 -22.91 -7.55
C GLN A 171 6.27 -21.42 -7.22
N ILE A 172 5.33 -20.73 -7.87
CA ILE A 172 5.26 -19.27 -7.74
C ILE A 172 4.81 -18.84 -6.35
N ASP A 173 5.75 -18.33 -5.56
CA ASP A 173 5.42 -17.78 -4.23
C ASP A 173 5.87 -16.30 -4.01
N GLU A 174 5.91 -15.86 -2.75
CA GLU A 174 6.09 -14.45 -2.42
C GLU A 174 7.51 -14.00 -2.62
N GLU A 175 8.44 -14.79 -2.07
CA GLU A 175 9.89 -14.65 -2.28
C GLU A 175 10.20 -14.43 -3.75
N MET A 176 9.49 -15.16 -4.62
CA MET A 176 9.82 -15.19 -6.01
C MET A 176 9.26 -13.99 -6.80
N LEU A 177 7.99 -13.66 -6.62
CA LEU A 177 7.44 -12.48 -7.27
C LEU A 177 8.21 -11.27 -6.75
N ASN A 178 8.58 -11.30 -5.47
CA ASN A 178 9.34 -10.21 -4.90
C ASN A 178 10.58 -9.93 -5.72
N GLN A 179 11.17 -10.99 -6.25
CA GLN A 179 12.46 -10.83 -6.91
C GLN A 179 12.29 -10.16 -8.25
N HIS A 180 11.04 -10.07 -8.68
CA HIS A 180 10.69 -9.47 -9.97
C HIS A 180 9.94 -8.11 -9.89
N VAL A 181 9.84 -7.54 -8.68
CA VAL A 181 9.32 -6.19 -8.55
C VAL A 181 10.49 -5.23 -8.39
N CYS A 182 10.24 -3.98 -8.78
CA CYS A 182 11.19 -2.91 -8.65
C CYS A 182 11.89 -2.82 -7.31
N MET A 183 13.22 -2.66 -7.37
CA MET A 183 14.07 -2.40 -6.21
C MET A 183 14.29 -3.63 -5.32
N HIS A 184 14.25 -4.83 -5.92
CA HIS A 184 14.42 -6.12 -5.22
C HIS A 184 15.82 -6.33 -4.67
N GLU A 185 16.79 -5.65 -5.29
CA GLU A 185 18.20 -5.79 -5.00
C GLU A 185 18.65 -4.75 -3.99
N LEU A 186 17.70 -3.97 -3.47
CA LEU A 186 17.97 -2.92 -2.46
C LEU A 186 17.35 -3.32 -1.11
N ALA A 187 17.82 -2.75 -0.01
CA ALA A 187 17.17 -2.93 1.29
C ALA A 187 15.65 -2.68 1.15
N PRO A 188 14.83 -3.35 1.99
CA PRO A 188 13.40 -3.05 1.89
C PRO A 188 13.10 -1.59 2.23
N VAL A 189 12.03 -1.08 1.64
CA VAL A 189 11.48 0.19 2.07
C VAL A 189 11.11 0.11 3.55
N ASP A 190 11.68 0.99 4.36
CA ASP A 190 11.49 1.04 5.83
C ASP A 190 10.49 2.11 6.24
N LEU A 191 10.42 3.20 5.48
CA LEU A 191 9.71 4.40 5.87
C LEU A 191 9.20 5.02 4.58
N VAL A 192 7.91 5.34 4.54
CA VAL A 192 7.33 6.12 3.45
C VAL A 192 6.87 7.46 4.00
N ILE A 193 7.33 8.54 3.37
CA ILE A 193 6.92 9.87 3.80
C ILE A 193 5.99 10.42 2.73
N ARG A 194 4.90 11.05 3.15
CA ARG A 194 4.07 11.81 2.22
C ARG A 194 3.82 13.20 2.75
N THR A 195 4.31 14.19 2.05
CA THR A 195 4.03 15.57 2.46
C THR A 195 2.77 16.08 1.80
N GLY A 196 2.37 17.29 2.16
CA GLY A 196 1.32 17.99 1.46
C GLY A 196 -0.09 17.78 1.96
N GLY A 197 -0.27 17.00 3.03
CA GLY A 197 -1.60 16.87 3.66
C GLY A 197 -2.45 15.62 3.41
N GLU A 198 -2.30 14.92 2.27
CA GLU A 198 -3.21 13.79 1.97
C GLU A 198 -2.68 12.46 2.55
N HIS A 199 -3.61 11.55 2.87
CA HIS A 199 -3.33 10.30 3.55
C HIS A 199 -3.66 9.16 2.62
N ARG A 200 -2.95 9.05 1.52
CA ARG A 200 -3.17 7.99 0.56
C ARG A 200 -1.82 7.62 0.01
N ILE A 201 -1.68 6.37 -0.42
CA ILE A 201 -0.53 5.95 -1.20
C ILE A 201 -0.61 6.46 -2.67
N SER A 202 -1.83 6.72 -3.15
CA SER A 202 -2.05 7.14 -4.54
C SER A 202 -1.33 6.24 -5.53
N ASN A 203 -1.33 4.93 -5.31
CA ASN A 203 -0.74 3.99 -6.29
C ASN A 203 0.78 4.15 -6.55
N PHE A 204 1.51 4.42 -5.47
CA PHE A 204 2.97 4.49 -5.45
C PHE A 204 3.37 3.06 -5.11
N LEU A 205 4.36 2.85 -4.25
CA LEU A 205 4.74 1.49 -3.91
C LEU A 205 3.60 0.77 -3.20
N LEU A 206 3.37 -0.49 -3.57
CA LEU A 206 2.36 -1.31 -2.90
C LEU A 206 2.95 -2.58 -2.30
N TRP A 207 3.36 -3.52 -3.15
CA TRP A 207 4.03 -4.72 -2.70
C TRP A 207 5.09 -4.40 -1.66
N GLN A 208 5.92 -3.39 -1.95
CA GLN A 208 7.08 -3.04 -1.13
C GLN A 208 6.80 -2.37 0.20
N ILE A 209 5.62 -1.78 0.37
CA ILE A 209 5.27 -1.07 1.61
C ILE A 209 4.54 -1.93 2.63
N ALA A 210 4.43 -3.22 2.37
CA ALA A 210 3.86 -4.21 3.29
C ALA A 210 4.22 -4.05 4.78
N TYR A 211 5.46 -3.66 5.07
CA TYR A 211 5.88 -3.57 6.47
C TYR A 211 6.46 -2.25 6.82
N ALA A 212 6.45 -1.36 5.83
CA ALA A 212 6.99 -0.04 5.98
C ALA A 212 6.14 0.81 6.92
N GLU A 213 6.83 1.72 7.60
CA GLU A 213 6.25 2.74 8.45
C GLU A 213 5.77 3.89 7.57
N LEU A 214 4.61 4.42 7.90
CA LEU A 214 3.99 5.41 7.06
C LEU A 214 3.89 6.70 7.85
N TYR A 215 4.38 7.76 7.25
CA TYR A 215 4.57 9.03 7.91
C TYR A 215 4.00 10.16 7.05
N PHE A 216 2.94 10.77 7.57
CA PHE A 216 2.17 11.79 6.88
C PHE A 216 2.37 13.10 7.61
N THR A 217 2.86 14.10 6.89
CA THR A 217 2.99 15.45 7.44
C THR A 217 2.27 16.47 6.54
N ASP A 218 1.65 17.48 7.15
CA ASP A 218 1.00 18.61 6.43
C ASP A 218 1.93 19.66 5.82
N VAL A 219 3.21 19.60 6.18
CA VAL A 219 4.19 20.47 5.50
C VAL A 219 4.12 20.22 4.01
N LEU A 220 4.01 21.27 3.24
CA LEU A 220 4.15 21.23 1.80
C LEU A 220 5.63 20.98 1.38
N TRP A 221 5.79 20.17 0.34
CA TRP A 221 7.09 19.72 -0.12
C TRP A 221 8.13 20.83 -0.16
N PRO A 222 7.83 21.98 -0.80
CA PRO A 222 8.86 23.05 -0.84
C PRO A 222 9.45 23.49 0.50
N ASP A 223 8.75 23.19 1.58
CA ASP A 223 9.13 23.62 2.93
C ASP A 223 9.70 22.47 3.71
N PHE A 224 9.60 21.26 3.17
CA PHE A 224 10.12 20.08 3.85
C PHE A 224 11.66 20.10 3.85
N ASP A 225 12.23 20.51 4.99
CA ASP A 225 13.68 20.68 5.11
C ASP A 225 14.40 19.52 5.83
N GLU A 226 15.60 19.80 6.33
CA GLU A 226 16.39 18.78 7.05
C GLU A 226 15.74 18.40 8.34
N GLN A 227 15.20 19.40 9.00
CA GLN A 227 14.60 19.25 10.30
C GLN A 227 13.31 18.43 10.27
N ASP A 228 12.51 18.61 9.21
CA ASP A 228 11.33 17.75 8.93
C ASP A 228 11.66 16.29 8.58
N PHE A 229 12.70 16.10 7.78
CA PHE A 229 13.19 14.79 7.44
C PHE A 229 13.74 14.09 8.71
N GLU A 230 14.43 14.85 9.56
CA GLU A 230 14.99 14.34 10.82
C GLU A 230 13.86 13.93 11.76
N GLY A 231 12.88 14.79 11.93
CA GLY A 231 11.67 14.39 12.61
C GLY A 231 11.16 13.03 12.15
N ALA A 232 10.99 12.84 10.84
CA ALA A 232 10.49 11.56 10.31
C ALA A 232 11.38 10.38 10.69
N LEU A 233 12.69 10.55 10.58
CA LEU A 233 13.65 9.49 10.90
C LEU A 233 13.63 9.16 12.39
N ASN A 234 13.64 10.19 13.24
CA ASN A 234 13.43 10.01 14.66
C ASN A 234 12.08 9.34 15.03
N ALA A 235 11.01 9.67 14.31
CA ALA A 235 9.73 9.01 14.52
C ALA A 235 9.84 7.52 14.18
N PHE A 236 10.39 7.20 13.02
CA PHE A 236 10.63 5.79 12.66
C PHE A 236 11.38 5.03 13.77
N ALA A 237 12.51 5.56 14.22
CA ALA A 237 13.33 4.94 15.29
C ALA A 237 12.63 4.49 16.61
N ASN A 238 11.35 4.89 16.81
CA ASN A 238 10.45 4.35 17.87
C ASN A 238 9.08 3.90 17.32
N GLY B 17 -19.16 9.89 0.06
CA GLY B 17 -19.74 8.65 -0.54
C GLY B 17 -18.87 7.45 -0.23
N CYS B 18 -18.80 7.06 1.04
CA CYS B 18 -17.97 5.91 1.46
C CYS B 18 -18.72 4.58 1.40
N ARG B 19 -18.16 3.62 0.66
CA ARG B 19 -18.90 2.39 0.46
C ARG B 19 -18.19 1.15 1.07
N HIS B 20 -16.85 1.18 1.05
CA HIS B 20 -16.06 0.06 1.56
C HIS B 20 -14.99 0.47 2.57
N VAL B 21 -15.12 0.01 3.81
CA VAL B 21 -14.17 0.37 4.89
C VAL B 21 -13.42 -0.91 5.38
N ALA B 22 -12.12 -0.83 5.62
CA ALA B 22 -11.30 -1.96 6.05
C ALA B 22 -10.68 -1.59 7.40
N ILE B 23 -10.57 -2.52 8.35
CA ILE B 23 -10.10 -2.12 9.67
C ILE B 23 -9.08 -3.10 10.19
N ILE B 24 -7.93 -2.56 10.57
CA ILE B 24 -6.94 -3.32 11.21
C ILE B 24 -7.22 -3.17 12.69
N MET B 25 -7.84 -4.18 13.30
CA MET B 25 -8.25 -4.05 14.69
C MET B 25 -7.09 -4.35 15.63
N ASP B 26 -6.55 -3.31 16.26
CA ASP B 26 -5.36 -3.45 17.09
CA ASP B 26 -5.35 -3.42 17.07
C ASP B 26 -5.54 -2.84 18.46
N GLY B 27 -4.85 -3.42 19.45
CA GLY B 27 -4.85 -2.91 20.81
C GLY B 27 -5.72 -3.72 21.74
N ASN B 28 -6.21 -4.85 21.24
CA ASN B 28 -6.95 -5.82 22.05
C ASN B 28 -6.22 -6.22 23.33
N GLY B 29 -4.98 -6.69 23.17
CA GLY B 29 -4.12 -7.14 24.27
C GLY B 29 -3.62 -6.01 25.14
N ARG B 30 -3.23 -4.90 24.52
CA ARG B 30 -2.77 -3.74 25.28
C ARG B 30 -3.86 -3.32 26.29
N TRP B 31 -5.07 -3.09 25.76
CA TRP B 31 -6.22 -2.58 26.52
C TRP B 31 -6.44 -3.41 27.78
N ALA B 32 -6.25 -4.70 27.65
CA ALA B 32 -6.58 -5.65 28.72
C ALA B 32 -5.55 -5.59 29.85
N LYS B 33 -4.28 -5.66 29.46
CA LYS B 33 -3.15 -5.66 30.36
C LYS B 33 -3.00 -4.33 31.12
N LYS B 34 -3.49 -3.22 30.54
CA LYS B 34 -3.60 -1.91 31.22
C LYS B 34 -4.57 -1.94 32.41
N GLN B 35 -5.57 -2.81 32.31
CA GLN B 35 -6.54 -3.02 33.37
C GLN B 35 -6.12 -4.18 34.28
N GLY B 36 -4.91 -4.71 34.10
CA GLY B 36 -4.44 -5.92 34.78
C GLY B 36 -5.34 -7.14 34.54
N LYS B 37 -5.83 -7.29 33.30
CA LYS B 37 -6.65 -8.43 32.90
C LYS B 37 -6.04 -9.15 31.67
N ILE B 38 -6.35 -10.44 31.50
CA ILE B 38 -5.65 -11.30 30.50
C ILE B 38 -5.92 -11.02 28.99
N ARG B 39 -5.17 -11.73 28.15
CA ARG B 39 -5.25 -11.60 26.69
C ARG B 39 -6.68 -11.73 26.12
N ALA B 40 -7.43 -12.70 26.63
CA ALA B 40 -8.81 -12.99 26.18
C ALA B 40 -9.87 -11.95 26.59
N PHE B 41 -9.72 -11.37 27.79
CA PHE B 41 -10.62 -10.34 28.33
C PHE B 41 -10.78 -9.20 27.31
N GLY B 42 -9.64 -8.77 26.76
CA GLY B 42 -9.61 -7.77 25.69
C GLY B 42 -10.35 -8.22 24.44
N HIS B 43 -10.19 -9.50 24.09
CA HIS B 43 -10.82 -10.07 22.89
C HIS B 43 -12.32 -10.23 23.07
N LYS B 44 -12.82 -10.31 24.30
CA LYS B 44 -14.28 -10.30 24.50
C LYS B 44 -14.83 -8.88 24.31
N ALA B 45 -14.11 -7.86 24.80
CA ALA B 45 -14.50 -6.47 24.61
C ALA B 45 -14.27 -6.06 23.14
N GLY B 46 -13.26 -6.68 22.54
CA GLY B 46 -12.90 -6.50 21.14
C GLY B 46 -13.97 -7.05 20.25
N ALA B 47 -14.55 -8.19 20.62
CA ALA B 47 -15.70 -8.77 19.90
C ALA B 47 -16.96 -7.91 20.06
N LYS B 48 -17.04 -7.16 21.15
CA LYS B 48 -18.20 -6.32 21.38
C LYS B 48 -18.10 -5.04 20.56
N SER B 49 -16.87 -4.56 20.38
CA SER B 49 -16.56 -3.42 19.56
C SER B 49 -16.70 -3.73 18.07
N VAL B 50 -16.35 -4.96 17.69
CA VAL B 50 -16.65 -5.47 16.36
C VAL B 50 -18.12 -5.32 16.02
N ARG B 51 -19.00 -5.79 16.92
CA ARG B 51 -20.45 -5.76 16.66
C ARG B 51 -20.92 -4.33 16.57
N ARG B 52 -20.46 -3.55 17.52
CA ARG B 52 -20.78 -2.14 17.58
C ARG B 52 -20.53 -1.52 16.22
N ALA B 53 -19.37 -1.85 15.65
CA ALA B 53 -18.90 -1.22 14.43
C ALA B 53 -19.59 -1.78 13.22
N VAL B 54 -20.01 -3.05 13.30
CA VAL B 54 -20.89 -3.66 12.29
C VAL B 54 -22.31 -3.02 12.18
N SER B 55 -23.08 -2.88 13.28
CA SER B 55 -24.35 -2.09 13.24
C SER B 55 -24.10 -0.69 12.67
N PHE B 56 -23.03 -0.05 13.16
CA PHE B 56 -22.75 1.28 12.71
C PHE B 56 -22.59 1.35 11.20
N ALA B 57 -21.77 0.46 10.65
CA ALA B 57 -21.63 0.37 9.21
C ALA B 57 -22.98 0.05 8.52
N ALA B 58 -23.69 -0.97 8.95
CA ALA B 58 -24.98 -1.31 8.31
C ALA B 58 -25.98 -0.13 8.31
N ASN B 59 -25.95 0.65 9.38
CA ASN B 59 -26.91 1.74 9.57
C ASN B 59 -26.50 2.99 8.84
N ASN B 60 -25.30 3.01 8.28
CA ASN B 60 -24.85 4.21 7.60
C ASN B 60 -24.59 3.96 6.13
N GLY B 61 -25.23 2.93 5.57
CA GLY B 61 -25.04 2.58 4.15
C GLY B 61 -23.60 2.33 3.73
N ILE B 62 -22.82 1.65 4.57
CA ILE B 62 -21.53 1.20 4.11
C ILE B 62 -21.84 -0.14 3.53
N GLU B 63 -21.25 -0.48 2.39
CA GLU B 63 -21.66 -1.70 1.70
C GLU B 63 -20.81 -2.91 2.07
N ALA B 64 -19.61 -2.65 2.56
CA ALA B 64 -18.60 -3.68 2.73
C ALA B 64 -17.69 -3.23 3.85
N LEU B 65 -17.53 -4.10 4.86
CA LEU B 65 -16.62 -3.87 5.98
C LEU B 65 -15.70 -5.07 6.03
N THR B 66 -14.39 -4.82 5.93
CA THR B 66 -13.38 -5.85 5.92
C THR B 66 -12.55 -5.70 7.21
N LEU B 67 -12.51 -6.76 8.02
CA LEU B 67 -11.84 -6.69 9.31
C LEU B 67 -10.64 -7.61 9.37
N TYR B 68 -9.57 -7.06 9.92
CA TYR B 68 -8.30 -7.72 10.06
C TYR B 68 -7.93 -7.68 11.54
N ALA B 69 -7.76 -8.85 12.14
CA ALA B 69 -7.62 -8.98 13.60
C ALA B 69 -6.22 -8.85 14.24
N PHE B 70 -5.19 -8.42 13.49
CA PHE B 70 -3.77 -8.49 13.95
C PHE B 70 -3.41 -7.71 15.24
N ALA B 92 -15.56 -20.45 16.82
CA ALA B 92 -15.25 -19.20 17.53
C ALA B 92 -16.09 -18.00 17.01
N LEU B 93 -16.00 -17.72 15.71
CA LEU B 93 -16.99 -16.91 14.96
C LEU B 93 -18.36 -17.58 14.89
N ASP B 94 -18.36 -18.91 15.03
CA ASP B 94 -19.56 -19.76 15.05
C ASP B 94 -20.65 -19.36 16.02
N SER B 95 -20.27 -18.58 17.02
CA SER B 95 -21.23 -18.01 17.94
C SER B 95 -21.76 -16.64 17.46
N GLU B 96 -21.09 -15.99 16.51
CA GLU B 96 -21.64 -14.76 15.91
C GLU B 96 -22.60 -15.02 14.73
N VAL B 97 -22.52 -16.20 14.11
CA VAL B 97 -23.15 -16.40 12.80
C VAL B 97 -24.69 -16.17 12.79
N LYS B 98 -25.40 -16.78 13.73
CA LYS B 98 -26.84 -16.65 13.77
C LYS B 98 -27.20 -15.20 13.98
N SER B 99 -26.43 -14.56 14.83
CA SER B 99 -26.70 -13.16 15.08
C SER B 99 -26.50 -12.32 13.83
N LEU B 100 -25.38 -12.49 13.14
CA LEU B 100 -25.10 -11.77 11.87
C LEU B 100 -26.13 -12.07 10.79
N HIS B 101 -26.49 -13.35 10.66
CA HIS B 101 -27.58 -13.77 9.74
C HIS B 101 -28.84 -13.00 10.08
N ARG B 102 -29.17 -12.93 11.37
CA ARG B 102 -30.40 -12.30 11.74
C ARG B 102 -30.38 -10.79 11.47
N HIS B 103 -29.19 -10.24 11.23
CA HIS B 103 -29.05 -8.80 10.98
C HIS B 103 -28.78 -8.44 9.52
N ASN B 104 -29.07 -9.37 8.65
CA ASN B 104 -28.98 -9.18 7.20
C ASN B 104 -27.57 -9.03 6.65
N VAL B 105 -26.58 -9.55 7.38
CA VAL B 105 -25.17 -9.39 7.03
C VAL B 105 -24.65 -10.58 6.17
N ARG B 106 -23.99 -10.31 5.04
CA ARG B 106 -23.40 -11.39 4.26
CA ARG B 106 -23.39 -11.41 4.26
C ARG B 106 -21.97 -11.65 4.78
N LEU B 107 -21.71 -12.87 5.26
CA LEU B 107 -20.38 -13.21 5.82
C LEU B 107 -19.47 -13.93 4.85
N ARG B 108 -18.29 -13.35 4.64
CA ARG B 108 -17.24 -13.88 3.78
C ARG B 108 -15.86 -13.89 4.48
N ILE B 109 -15.11 -14.97 4.26
CA ILE B 109 -13.81 -15.11 4.90
C ILE B 109 -12.75 -14.95 3.81
N ILE B 110 -11.88 -13.97 3.98
CA ILE B 110 -10.75 -13.82 3.08
C ILE B 110 -9.47 -14.32 3.74
N GLY B 111 -8.68 -15.05 2.98
CA GLY B 111 -7.46 -15.65 3.53
C GLY B 111 -7.18 -17.10 3.18
N ASP B 112 -6.08 -17.62 3.73
CA ASP B 112 -5.58 -18.97 3.42
C ASP B 112 -6.12 -19.97 4.43
N THR B 113 -7.20 -20.65 4.05
CA THR B 113 -7.91 -21.53 4.96
C THR B 113 -7.60 -23.00 4.67
N SER B 114 -6.76 -23.20 3.66
CA SER B 114 -6.54 -24.54 3.14
C SER B 114 -5.56 -25.32 3.96
N PHE B 116 -6.22 -25.31 7.38
CA PHE B 116 -7.22 -25.53 8.42
C PHE B 116 -7.74 -26.97 8.32
N ASN B 117 -8.02 -27.58 9.47
CA ASN B 117 -8.61 -28.93 9.43
C ASN B 117 -10.01 -28.95 8.80
N SER B 118 -10.27 -30.08 8.14
CA SER B 118 -11.35 -30.28 7.17
C SER B 118 -12.76 -29.96 7.69
N ARG B 119 -13.03 -30.31 8.94
CA ARG B 119 -14.31 -29.98 9.56
C ARG B 119 -14.54 -28.45 9.67
N LEU B 120 -13.51 -27.72 10.13
CA LEU B 120 -13.60 -26.28 10.30
C LEU B 120 -13.86 -25.57 8.95
N GLN B 121 -13.16 -26.03 7.92
CA GLN B 121 -13.35 -25.51 6.57
C GLN B 121 -14.77 -25.71 6.09
N GLU B 122 -15.38 -26.81 6.47
CA GLU B 122 -16.76 -27.02 6.09
C GLU B 122 -17.73 -26.12 6.92
N ARG B 123 -17.34 -25.79 8.15
CA ARG B 123 -18.17 -24.90 8.97
C ARG B 123 -18.10 -23.47 8.52
N ILE B 124 -16.93 -23.09 8.00
CA ILE B 124 -16.73 -21.80 7.37
C ILE B 124 -17.63 -21.69 6.13
N ARG B 125 -17.58 -22.70 5.25
CA ARG B 125 -18.47 -22.76 4.06
C ARG B 125 -19.93 -22.64 4.47
N LYS B 126 -20.28 -23.19 5.64
CA LYS B 126 -21.71 -23.24 5.99
C LYS B 126 -22.26 -21.88 6.45
N SER B 127 -21.43 -21.14 7.17
CA SER B 127 -21.73 -19.76 7.48
C SER B 127 -21.74 -18.82 6.26
N GLU B 128 -20.84 -19.07 5.31
CA GLU B 128 -20.84 -18.31 4.06
C GLU B 128 -22.14 -18.58 3.32
N ALA B 129 -22.44 -19.84 3.08
CA ALA B 129 -23.62 -20.20 2.35
C ALA B 129 -24.85 -19.69 3.08
N LEU B 130 -24.83 -19.70 4.42
CA LEU B 130 -26.05 -19.39 5.16
C LEU B 130 -26.44 -17.95 4.89
N THR B 131 -25.42 -17.09 4.79
CA THR B 131 -25.61 -15.68 4.78
C THR B 131 -25.44 -15.16 3.36
N ALA B 132 -25.27 -16.05 2.41
CA ALA B 132 -24.97 -15.66 1.07
C ALA B 132 -26.12 -14.86 0.41
N GLY B 133 -27.35 -15.10 0.82
CA GLY B 133 -28.52 -14.45 0.25
C GLY B 133 -28.90 -13.13 0.88
N ASN B 134 -28.30 -12.85 2.03
CA ASN B 134 -28.51 -11.57 2.72
C ASN B 134 -28.16 -10.35 1.82
N THR B 135 -28.76 -9.20 2.08
CA THR B 135 -28.62 -8.08 1.14
C THR B 135 -28.11 -6.85 1.86
N GLY B 136 -27.86 -6.98 3.16
CA GLY B 136 -27.34 -5.85 3.90
C GLY B 136 -25.84 -5.74 3.71
N LEU B 137 -25.16 -5.18 4.71
CA LEU B 137 -23.69 -5.10 4.78
C LEU B 137 -22.99 -6.40 4.38
N THR B 138 -21.87 -6.30 3.66
CA THR B 138 -21.01 -7.45 3.44
C THR B 138 -19.87 -7.36 4.43
N LEU B 139 -19.67 -8.43 5.20
CA LEU B 139 -18.63 -8.44 6.20
C LEU B 139 -17.60 -9.46 5.80
N ASN B 140 -16.36 -9.00 5.64
CA ASN B 140 -15.20 -9.87 5.32
C ASN B 140 -14.27 -9.94 6.50
N ILE B 141 -14.04 -11.15 6.98
CA ILE B 141 -13.17 -11.37 8.11
C ILE B 141 -11.93 -12.03 7.51
N ALA B 142 -10.77 -11.45 7.81
CA ALA B 142 -9.47 -11.93 7.42
C ALA B 142 -9.04 -13.09 8.31
N ALA B 143 -8.76 -14.23 7.74
CA ALA B 143 -8.25 -15.36 8.52
C ALA B 143 -7.02 -15.92 7.79
N ASN B 144 -5.85 -15.85 8.45
CA ASN B 144 -4.57 -16.27 7.89
C ASN B 144 -4.51 -15.70 6.51
N TYR B 145 -4.66 -14.39 6.45
CA TYR B 145 -4.67 -13.58 5.24
C TYR B 145 -3.37 -12.79 5.25
N GLY B 146 -2.86 -12.50 4.04
CA GLY B 146 -1.78 -11.57 3.83
C GLY B 146 -2.06 -10.91 2.48
N GLY B 147 -1.82 -9.61 2.39
CA GLY B 147 -1.87 -8.91 1.10
C GLY B 147 -0.93 -9.50 0.05
N ARG B 148 0.24 -9.98 0.45
CA ARG B 148 1.12 -10.56 -0.57
C ARG B 148 0.62 -11.92 -0.98
N TRP B 149 0.23 -12.72 0.00
CA TRP B 149 -0.39 -14.00 -0.30
C TRP B 149 -1.55 -13.79 -1.28
N ASP B 150 -2.41 -12.82 -0.98
CA ASP B 150 -3.58 -12.53 -1.83
C ASP B 150 -3.16 -12.37 -3.29
N ILE B 151 -2.06 -11.66 -3.50
CA ILE B 151 -1.60 -11.31 -4.86
C ILE B 151 -1.07 -12.55 -5.49
N VAL B 152 -0.20 -13.23 -4.77
CA VAL B 152 0.25 -14.55 -5.20
C VAL B 152 -0.91 -15.43 -5.68
N GLN B 153 -1.78 -15.87 -4.77
CA GLN B 153 -2.94 -16.69 -5.11
CA GLN B 153 -2.85 -16.75 -5.18
C GLN B 153 -3.41 -16.31 -6.54
N GLY B 154 -3.67 -15.02 -6.71
CA GLY B 154 -4.15 -14.50 -8.00
C GLY B 154 -3.16 -14.66 -9.15
N VAL B 155 -1.86 -14.60 -8.85
CA VAL B 155 -0.84 -14.85 -9.87
C VAL B 155 -1.06 -16.26 -10.45
N ARG B 156 -1.10 -17.25 -9.56
CA ARG B 156 -1.25 -18.67 -9.91
C ARG B 156 -2.55 -19.04 -10.65
N GLN B 157 -3.66 -18.39 -10.31
CA GLN B 157 -4.92 -18.59 -11.08
C GLN B 157 -4.70 -18.23 -12.56
N LEU B 158 -3.76 -17.32 -12.79
CA LEU B 158 -3.37 -16.89 -14.14
C LEU B 158 -2.19 -17.73 -14.62
N ALA B 159 -1.36 -18.18 -13.68
CA ALA B 159 -0.14 -18.93 -14.00
C ALA B 159 -0.44 -20.34 -14.48
N GLU B 160 -1.72 -20.70 -14.54
CA GLU B 160 -2.15 -21.98 -15.11
C GLU B 160 -3.33 -21.76 -16.08
N LYS B 161 -3.84 -20.53 -16.09
CA LYS B 161 -4.59 -20.00 -17.24
C LYS B 161 -3.60 -19.75 -18.40
N VAL B 162 -2.31 -19.82 -18.11
CA VAL B 162 -1.27 -19.76 -19.13
C VAL B 162 -0.72 -21.17 -19.43
N GLN B 163 -0.28 -21.91 -18.41
CA GLN B 163 0.28 -23.26 -18.62
C GLN B 163 -0.75 -24.26 -19.20
N GLN B 164 -1.97 -23.78 -19.44
CA GLN B 164 -2.91 -24.47 -20.34
C GLN B 164 -3.25 -23.58 -21.53
N GLY B 165 -2.21 -22.99 -22.12
CA GLY B 165 -2.28 -22.12 -23.30
C GLY B 165 -3.55 -21.32 -23.46
N ASN B 166 -4.11 -20.87 -22.34
CA ASN B 166 -5.40 -20.17 -22.35
C ASN B 166 -5.28 -18.67 -22.43
N LEU B 167 -4.11 -18.17 -22.05
CA LEU B 167 -3.89 -16.76 -21.87
C LEU B 167 -2.45 -16.41 -22.15
N GLN B 168 -2.24 -15.34 -22.90
CA GLN B 168 -0.92 -14.84 -23.21
C GLN B 168 -0.34 -14.04 -22.03
N PRO B 169 0.94 -14.25 -21.71
CA PRO B 169 1.69 -13.31 -20.90
C PRO B 169 1.37 -11.86 -21.29
N ASP B 170 1.65 -11.50 -22.53
CA ASP B 170 1.34 -10.17 -23.08
C ASP B 170 -0.05 -9.65 -22.64
N GLN B 171 -1.08 -10.49 -22.71
CA GLN B 171 -2.48 -10.14 -22.35
C GLN B 171 -2.70 -9.78 -20.88
N ILE B 172 -1.85 -10.32 -20.00
CA ILE B 172 -1.93 -10.05 -18.56
C ILE B 172 -1.85 -8.56 -18.21
N ASP B 173 -2.94 -8.02 -17.69
CA ASP B 173 -2.99 -6.62 -17.32
C ASP B 173 -3.65 -6.43 -15.94
N GLU B 174 -3.70 -5.18 -15.47
CA GLU B 174 -4.23 -4.84 -14.14
C GLU B 174 -5.68 -5.28 -13.94
N GLU B 175 -6.53 -4.87 -14.87
CA GLU B 175 -7.98 -5.13 -14.79
C GLU B 175 -8.25 -6.62 -14.66
N MET B 176 -7.43 -7.40 -15.35
CA MET B 176 -7.42 -8.85 -15.22
C MET B 176 -7.03 -9.27 -13.83
N LEU B 177 -5.79 -9.02 -13.43
CA LEU B 177 -5.29 -9.47 -12.13
C LEU B 177 -6.19 -9.04 -10.97
N ASN B 178 -6.88 -7.91 -11.15
CA ASN B 178 -7.83 -7.43 -10.16
C ASN B 178 -9.04 -8.34 -9.98
N GLN B 179 -9.50 -8.93 -11.08
CA GLN B 179 -10.58 -9.90 -11.06
C GLN B 179 -10.20 -11.17 -10.31
N HIS B 180 -8.89 -11.36 -10.09
CA HIS B 180 -8.41 -12.57 -9.41
C HIS B 180 -7.94 -12.32 -7.97
N VAL B 181 -8.14 -11.12 -7.43
CA VAL B 181 -7.78 -10.83 -6.04
C VAL B 181 -9.04 -10.76 -5.18
N CYS B 182 -8.90 -11.01 -3.89
CA CYS B 182 -10.06 -10.96 -2.99
C CYS B 182 -10.85 -9.67 -3.16
N MET B 183 -12.19 -9.83 -3.16
CA MET B 183 -13.20 -8.74 -3.14
C MET B 183 -13.35 -7.95 -4.45
N HIS B 184 -12.80 -8.48 -5.54
CA HIS B 184 -12.99 -7.91 -6.86
C HIS B 184 -14.48 -7.71 -7.22
N GLU B 185 -15.36 -8.52 -6.64
CA GLU B 185 -16.79 -8.33 -6.91
C GLU B 185 -17.39 -7.17 -6.13
N LEU B 186 -16.76 -6.83 -5.00
CA LEU B 186 -17.23 -5.75 -4.10
C LEU B 186 -16.78 -4.34 -4.49
N ALA B 187 -17.41 -3.34 -3.90
CA ALA B 187 -16.96 -1.97 -4.05
C ALA B 187 -15.47 -1.87 -3.70
N PRO B 188 -14.71 -1.08 -4.49
CA PRO B 188 -13.31 -0.78 -4.18
C PRO B 188 -13.17 -0.21 -2.78
N VAL B 189 -12.11 -0.57 -2.07
CA VAL B 189 -11.86 -0.06 -0.70
C VAL B 189 -11.57 1.44 -0.71
N ASP B 190 -12.34 2.20 0.05
CA ASP B 190 -12.28 3.66 0.10
C ASP B 190 -11.37 4.20 1.17
N LEU B 191 -11.31 3.46 2.29
CA LEU B 191 -10.91 3.95 3.60
C LEU B 191 -10.38 2.76 4.35
N VAL B 192 -9.23 2.95 5.01
CA VAL B 192 -8.63 1.92 5.82
C VAL B 192 -8.40 2.53 7.19
N ILE B 193 -8.89 1.87 8.22
CA ILE B 193 -8.71 2.35 9.57
C ILE B 193 -7.77 1.39 10.30
N ARG B 194 -6.83 1.95 11.06
CA ARG B 194 -6.01 1.18 11.99
C ARG B 194 -6.03 1.83 13.35
N THR B 195 -6.39 1.02 14.34
CA THR B 195 -6.43 1.44 15.74
C THR B 195 -5.13 0.99 16.39
N GLY B 196 -4.84 1.47 17.56
CA GLY B 196 -3.83 0.86 18.41
C GLY B 196 -2.56 1.66 18.31
N GLY B 197 -2.53 2.65 17.43
CA GLY B 197 -1.40 3.57 17.38
C GLY B 197 -0.24 3.26 16.45
N GLU B 198 -0.14 2.06 15.90
CA GLU B 198 0.91 1.83 14.92
C GLU B 198 0.52 2.37 13.52
N HIS B 199 1.53 2.80 12.74
CA HIS B 199 1.30 3.48 11.45
C HIS B 199 1.89 2.67 10.29
N ARG B 200 1.38 1.46 10.12
CA ARG B 200 1.85 0.60 9.05
C ARG B 200 0.66 -0.23 8.58
N ILE B 201 0.76 -0.80 7.37
CA ILE B 201 -0.27 -1.70 6.86
C ILE B 201 -0.12 -3.11 7.37
N SER B 202 1.13 -3.52 7.65
CA SER B 202 1.39 -4.85 8.17
C SER B 202 0.84 -5.97 7.30
N ASN B 203 0.98 -5.84 5.98
CA ASN B 203 0.59 -6.91 5.06
C ASN B 203 -0.90 -7.27 5.14
N PHE B 204 -1.72 -6.27 5.49
CA PHE B 204 -3.16 -6.31 5.27
C PHE B 204 -3.34 -6.10 3.77
N LEU B 205 -4.41 -5.46 3.31
CA LEU B 205 -4.65 -5.38 1.86
C LEU B 205 -3.52 -4.57 1.30
N LEU B 206 -2.99 -5.01 0.17
CA LEU B 206 -2.00 -4.20 -0.54
C LEU B 206 -2.52 -3.71 -1.89
N TRP B 207 -2.89 -4.64 -2.77
CA TRP B 207 -3.41 -4.26 -4.09
C TRP B 207 -4.65 -3.37 -3.98
N GLN B 208 -5.56 -3.77 -3.10
CA GLN B 208 -6.87 -3.15 -2.93
C GLN B 208 -6.81 -1.73 -2.37
N ILE B 209 -5.69 -1.35 -1.77
CA ILE B 209 -5.66 -0.07 -1.06
C ILE B 209 -4.95 1.07 -1.78
N ALA B 210 -4.68 0.90 -3.08
CA ALA B 210 -3.97 1.87 -3.94
C ALA B 210 -4.49 3.31 -3.88
N TYR B 211 -5.81 3.44 -3.70
CA TYR B 211 -6.46 4.75 -3.66
C TYR B 211 -7.29 4.97 -2.41
N ALA B 212 -7.18 4.07 -1.45
CA ALA B 212 -7.87 4.23 -0.19
C ALA B 212 -7.34 5.41 0.60
N GLU B 213 -8.20 6.02 1.40
CA GLU B 213 -7.80 6.96 2.44
C GLU B 213 -7.23 6.14 3.63
N LEU B 214 -6.22 6.66 4.33
CA LEU B 214 -5.61 5.86 5.42
C LEU B 214 -5.65 6.60 6.69
N TYR B 215 -6.28 6.02 7.70
CA TYR B 215 -6.61 6.71 8.93
C TYR B 215 -6.13 5.94 10.14
N PHE B 216 -5.27 6.57 10.91
CA PHE B 216 -4.61 5.92 12.02
C PHE B 216 -5.02 6.67 13.24
N THR B 217 -5.53 5.94 14.22
CA THR B 217 -5.89 6.57 15.48
C THR B 217 -5.23 5.74 16.57
N ASP B 218 -4.78 6.42 17.61
CA ASP B 218 -4.18 5.83 18.80
C ASP B 218 -5.16 5.06 19.67
N VAL B 219 -6.46 5.37 19.56
CA VAL B 219 -7.54 4.65 20.26
C VAL B 219 -7.37 3.18 20.08
N LEU B 220 -7.47 2.41 21.16
CA LEU B 220 -7.35 0.96 21.09
C LEU B 220 -8.68 0.36 20.65
N TRP B 221 -8.63 -0.74 19.92
CA TRP B 221 -9.81 -1.30 19.31
C TRP B 221 -11.03 -1.42 20.23
N PRO B 222 -10.87 -2.01 21.45
CA PRO B 222 -12.03 -2.10 22.38
C PRO B 222 -12.67 -0.76 22.74
N ASP B 223 -11.96 0.35 22.52
CA ASP B 223 -12.45 1.72 22.84
C ASP B 223 -13.08 2.41 21.63
N PHE B 224 -12.76 1.91 20.46
CA PHE B 224 -13.15 2.53 19.20
C PHE B 224 -14.67 2.43 18.99
N ASP B 225 -15.31 3.58 18.97
CA ASP B 225 -16.77 3.57 19.00
C ASP B 225 -17.39 4.24 17.77
N GLU B 226 -18.63 4.65 17.90
CA GLU B 226 -19.37 5.25 16.82
C GLU B 226 -18.80 6.59 16.41
N GLN B 227 -18.37 7.34 17.43
CA GLN B 227 -17.80 8.66 17.24
C GLN B 227 -16.39 8.56 16.64
N ASP B 228 -15.59 7.61 17.13
CA ASP B 228 -14.30 7.31 16.47
C ASP B 228 -14.50 6.96 15.00
N PHE B 229 -15.55 6.18 14.71
CA PHE B 229 -15.81 5.67 13.38
C PHE B 229 -16.29 6.83 12.51
N GLU B 230 -17.12 7.72 13.06
CA GLU B 230 -17.63 8.84 12.29
C GLU B 230 -16.49 9.77 11.92
N GLY B 231 -15.53 9.87 12.83
CA GLY B 231 -14.39 10.78 12.64
C GLY B 231 -13.59 10.38 11.43
N ALA B 232 -13.32 9.09 11.30
CA ALA B 232 -12.66 8.51 10.14
C ALA B 232 -13.47 8.76 8.86
N LEU B 233 -14.77 8.49 8.93
CA LEU B 233 -15.68 8.82 7.83
C LEU B 233 -15.66 10.28 7.42
N ASN B 234 -15.57 11.20 8.38
CA ASN B 234 -15.44 12.63 8.02
C ASN B 234 -14.12 12.96 7.36
N ALA B 235 -13.03 12.39 7.88
CA ALA B 235 -11.73 12.52 7.20
C ALA B 235 -11.82 12.16 5.70
N PHE B 236 -12.44 11.01 5.40
CA PHE B 236 -12.67 10.61 4.02
C PHE B 236 -13.38 11.73 3.24
N ALA B 237 -14.55 12.13 3.77
CA ALA B 237 -15.43 13.17 3.21
C ALA B 237 -14.78 14.52 2.80
N ASN B 238 -13.72 14.94 3.52
CA ASN B 238 -12.93 16.17 3.26
C ASN B 238 -11.80 16.02 2.22
#